data_5XZ4
#
_entry.id   5XZ4
#
_cell.length_a   115.950
_cell.length_b   49.940
_cell.length_c   78.770
_cell.angle_alpha   90.00
_cell.angle_beta   120.37
_cell.angle_gamma   90.00
#
_symmetry.space_group_name_H-M   'C 1 2 1'
#
loop_
_entity.id
_entity.type
_entity.pdbx_description
1 polymer 'Bumblebee peptidoglycan recognition protein SA'
2 non-polymer 'SULFATE ION'
3 non-polymer 2-AMINO-2-HYDROXYMETHYL-PROPANE-1,3-DIOL
4 water water
#
_entity_poly.entity_id   1
_entity_poly.type   'polypeptide(L)'
_entity_poly.pdbx_seq_one_letter_code
;MEFNESCPQIIGRSEWTDVDAKSINYLIIPIPYVIIHHTVTAECNTRSECIAQAENIRSYHMDSNGWDDIGYSFLIGGDG
NVYEGRGWNREGAHTIGYNKKSVGIGFIGNFQEKAASDKMLNAAHALIHCGKSKGILREDIRVIGAKQVTATMSPGSKLQ
KQIKNWLEWVPTP
;
_entity_poly.pdbx_strand_id   A,B
#
# COMPACT_ATOMS: atom_id res chain seq x y z
N CYS A 7 -19.70 -24.22 -2.56
CA CYS A 7 -19.04 -23.27 -1.64
C CYS A 7 -17.78 -23.77 -0.89
N PRO A 8 -16.68 -22.98 -0.94
CA PRO A 8 -15.52 -23.25 -0.06
C PRO A 8 -15.91 -23.02 1.42
N GLN A 9 -15.17 -23.65 2.33
CA GLN A 9 -15.41 -23.48 3.78
C GLN A 9 -14.64 -22.25 4.28
N ILE A 10 -15.37 -21.15 4.41
CA ILE A 10 -14.73 -19.85 4.72
C ILE A 10 -14.27 -19.80 6.19
N ILE A 11 -13.05 -19.26 6.39
CA ILE A 11 -12.52 -19.05 7.73
C ILE A 11 -13.07 -17.71 8.22
N GLY A 12 -13.98 -17.77 9.19
CA GLY A 12 -14.65 -16.61 9.72
C GLY A 12 -13.68 -15.62 10.33
N ARG A 13 -14.05 -14.35 10.35
CA ARG A 13 -13.16 -13.30 10.89
C ARG A 13 -12.66 -13.62 12.31
N SER A 14 -13.54 -14.09 13.19
CA SER A 14 -13.16 -14.35 14.60
C SER A 14 -12.24 -15.57 14.73
N GLU A 15 -12.10 -16.35 13.66
CA GLU A 15 -11.19 -17.48 13.67
C GLU A 15 -9.73 -17.08 13.45
N TRP A 16 -9.50 -15.86 12.92
CA TRP A 16 -8.13 -15.38 12.69
C TRP A 16 -7.71 -14.14 13.48
N THR A 17 -8.65 -13.47 14.13
CA THR A 17 -8.34 -12.31 14.98
C THR A 17 -9.24 -12.24 16.20
N ASP A 18 -8.69 -11.68 17.28
CA ASP A 18 -9.46 -11.36 18.49
C ASP A 18 -9.87 -9.90 18.60
N VAL A 19 -9.48 -9.06 17.63
CA VAL A 19 -9.78 -7.63 17.70
C VAL A 19 -11.07 -7.35 16.93
N ASP A 20 -12.06 -6.81 17.64
CA ASP A 20 -13.35 -6.52 17.01
C ASP A 20 -13.25 -5.43 15.96
N ALA A 21 -14.03 -5.60 14.88
CA ALA A 21 -14.24 -4.52 13.91
C ALA A 21 -15.15 -3.44 14.49
N LYS A 22 -14.98 -2.20 13.99
CA LYS A 22 -15.96 -1.15 14.25
C LYS A 22 -17.13 -1.33 13.27
N SER A 23 -18.26 -0.72 13.58
CA SER A 23 -19.45 -0.81 12.73
C SER A 23 -19.21 -0.20 11.35
N ILE A 24 -19.69 -0.89 10.33
CA ILE A 24 -19.52 -0.50 8.92
C ILE A 24 -20.88 -0.57 8.23
N ASN A 25 -21.14 0.41 7.36
CA ASN A 25 -22.39 0.44 6.61
C ASN A 25 -22.57 -0.76 5.66
N TYR A 26 -23.82 -1.10 5.39
CA TYR A 26 -24.15 -2.33 4.67
C TYR A 26 -24.32 -2.13 3.16
N LEU A 27 -23.80 -3.10 2.39
CA LEU A 27 -23.96 -3.18 0.92
C LEU A 27 -25.40 -3.51 0.55
N ILE A 28 -25.81 -3.04 -0.62
CA ILE A 28 -27.04 -3.55 -1.24
C ILE A 28 -26.73 -4.90 -1.93
N ILE A 29 -27.61 -5.90 -1.73
CA ILE A 29 -27.42 -7.30 -2.19
C ILE A 29 -28.59 -7.63 -3.13
N PRO A 30 -28.37 -8.23 -4.31
CA PRO A 30 -27.07 -8.77 -4.76
C PRO A 30 -26.12 -7.73 -5.33
N ILE A 31 -24.83 -8.08 -5.29
CA ILE A 31 -23.73 -7.17 -5.58
C ILE A 31 -23.29 -7.27 -7.06
N PRO A 32 -22.99 -6.12 -7.71
CA PRO A 32 -22.69 -6.14 -9.17
C PRO A 32 -21.23 -6.38 -9.58
N TYR A 33 -20.27 -6.12 -8.68
CA TYR A 33 -18.82 -6.22 -9.00
C TYR A 33 -18.05 -7.04 -7.98
N VAL A 34 -17.02 -7.73 -8.47
CA VAL A 34 -15.95 -8.27 -7.62
C VAL A 34 -14.67 -7.59 -8.09
N ILE A 35 -13.89 -7.04 -7.12
CA ILE A 35 -12.61 -6.43 -7.47
C ILE A 35 -11.49 -7.34 -6.98
N ILE A 36 -10.58 -7.71 -7.86
CA ILE A 36 -9.42 -8.53 -7.53
C ILE A 36 -8.20 -7.68 -7.20
N HIS A 37 -7.63 -7.95 -6.03
CA HIS A 37 -6.44 -7.22 -5.52
C HIS A 37 -5.32 -8.19 -5.19
N HIS A 38 -4.09 -7.68 -5.08
CA HIS A 38 -3.06 -8.38 -4.30
C HIS A 38 -2.72 -7.57 -3.08
N THR A 39 -2.22 -8.22 -2.02
CA THR A 39 -1.92 -7.49 -0.77
C THR A 39 -0.57 -6.79 -0.76
N VAL A 40 0.33 -7.25 -1.63
CA VAL A 40 1.77 -6.83 -1.70
C VAL A 40 2.56 -7.38 -0.51
N THR A 41 1.95 -8.16 0.35
CA THR A 41 2.67 -8.83 1.44
C THR A 41 3.43 -10.04 0.88
N ALA A 42 4.28 -10.64 1.72
CA ALA A 42 4.78 -11.97 1.43
C ALA A 42 3.63 -12.97 1.27
N GLU A 43 3.89 -14.02 0.50
CA GLU A 43 2.96 -15.16 0.43
C GLU A 43 2.92 -16.00 1.73
N CYS A 44 1.88 -16.78 1.90
CA CYS A 44 1.72 -17.66 3.05
C CYS A 44 1.28 -19.03 2.55
N ASN A 45 1.75 -20.11 3.20
CA ASN A 45 1.55 -21.46 2.64
C ASN A 45 0.89 -22.48 3.58
N THR A 46 0.54 -22.04 4.79
CA THR A 46 -0.15 -22.91 5.78
C THR A 46 -1.20 -22.04 6.47
N ARG A 47 -2.14 -22.70 7.12
CA ARG A 47 -3.19 -22.00 7.84
C ARG A 47 -2.59 -21.06 8.92
N SER A 48 -1.63 -21.55 9.70
CA SER A 48 -1.00 -20.71 10.71
C SER A 48 -0.33 -19.44 10.11
N GLU A 49 0.37 -19.61 8.98
CA GLU A 49 1.03 -18.50 8.29
C GLU A 49 0.00 -17.50 7.75
N CYS A 50 -1.07 -18.01 7.14
CA CYS A 50 -2.07 -17.13 6.54
C CYS A 50 -2.89 -16.38 7.60
N ILE A 51 -3.17 -17.04 8.73
CA ILE A 51 -3.80 -16.36 9.85
C ILE A 51 -2.93 -15.17 10.29
N ALA A 52 -1.62 -15.41 10.42
CA ALA A 52 -0.71 -14.34 10.84
C ALA A 52 -0.71 -13.17 9.85
N GLN A 53 -0.71 -13.49 8.55
CA GLN A 53 -0.76 -12.41 7.58
C GLN A 53 -2.03 -11.60 7.67
N ALA A 54 -3.18 -12.30 7.76
CA ALA A 54 -4.46 -11.61 7.90
C ALA A 54 -4.50 -10.67 9.11
N GLU A 55 -4.04 -11.20 10.25
CA GLU A 55 -4.00 -10.42 11.49
C GLU A 55 -3.09 -9.16 11.35
N ASN A 56 -1.93 -9.33 10.72
CA ASN A 56 -1.05 -8.17 10.54
C ASN A 56 -1.49 -7.13 9.51
N ILE A 57 -2.21 -7.55 8.47
CA ILE A 57 -2.82 -6.58 7.59
C ILE A 57 -3.95 -5.83 8.33
N ARG A 58 -4.78 -6.58 9.06
CA ARG A 58 -5.83 -5.95 9.88
C ARG A 58 -5.22 -4.91 10.86
N SER A 59 -4.16 -5.32 11.58
CA SER A 59 -3.51 -4.44 12.55
C SER A 59 -3.05 -3.14 11.86
N TYR A 60 -2.42 -3.26 10.69
CA TYR A 60 -1.93 -2.09 9.97
C TYR A 60 -3.09 -1.18 9.49
N HIS A 61 -4.12 -1.82 8.96
CA HIS A 61 -5.27 -1.05 8.47
C HIS A 61 -5.99 -0.31 9.59
N MET A 62 -6.22 -0.98 10.72
CA MET A 62 -6.94 -0.36 11.83
C MET A 62 -6.09 0.64 12.61
N ASP A 63 -4.85 0.28 12.93
CA ASP A 63 -4.01 1.15 13.79
C ASP A 63 -3.30 2.24 13.02
N SER A 64 -2.76 1.90 11.84
CA SER A 64 -1.99 2.90 11.06
C SER A 64 -2.86 3.67 10.10
N ASN A 65 -3.73 2.99 9.34
CA ASN A 65 -4.63 3.73 8.44
C ASN A 65 -5.85 4.33 9.13
N GLY A 66 -6.18 3.84 10.32
CA GLY A 66 -7.35 4.31 11.08
C GLY A 66 -8.68 3.80 10.58
N TRP A 67 -8.67 2.68 9.85
CA TRP A 67 -9.90 2.13 9.26
C TRP A 67 -10.71 1.32 10.25
N ASP A 68 -11.97 1.08 9.93
CA ASP A 68 -12.87 0.37 10.85
C ASP A 68 -12.61 -1.14 10.95
N ASP A 69 -11.87 -1.67 9.98
CA ASP A 69 -11.58 -3.10 9.84
C ASP A 69 -10.54 -3.24 8.75
N ILE A 70 -9.96 -4.43 8.61
CA ILE A 70 -9.20 -4.77 7.41
C ILE A 70 -9.99 -4.30 6.19
N GLY A 71 -9.31 -3.73 5.20
CA GLY A 71 -10.04 -3.06 4.10
C GLY A 71 -10.72 -4.06 3.16
N TYR A 72 -10.17 -5.27 3.05
CA TYR A 72 -10.66 -6.28 2.08
C TYR A 72 -11.92 -7.00 2.58
N SER A 73 -12.80 -7.40 1.63
CA SER A 73 -13.95 -8.27 1.95
C SER A 73 -13.51 -9.68 2.35
N PHE A 74 -12.59 -10.24 1.55
CA PHE A 74 -12.01 -11.56 1.79
C PHE A 74 -10.54 -11.55 1.38
N LEU A 75 -9.78 -12.46 1.98
CA LEU A 75 -8.39 -12.74 1.54
C LEU A 75 -8.31 -14.15 1.02
N ILE A 76 -7.41 -14.38 0.06
CA ILE A 76 -7.10 -15.75 -0.41
C ILE A 76 -5.67 -16.07 0.04
N GLY A 77 -5.52 -17.13 0.84
CA GLY A 77 -4.21 -17.60 1.25
C GLY A 77 -3.55 -18.59 0.29
N GLY A 78 -2.23 -18.68 0.33
CA GLY A 78 -1.51 -19.71 -0.43
C GLY A 78 -1.72 -21.13 0.11
N ASP A 79 -2.38 -21.23 1.28
CA ASP A 79 -2.91 -22.51 1.78
C ASP A 79 -4.17 -22.96 1.03
N GLY A 80 -4.72 -22.12 0.14
CA GLY A 80 -5.91 -22.47 -0.60
C GLY A 80 -7.20 -22.11 0.12
N ASN A 81 -7.12 -21.41 1.26
CA ASN A 81 -8.28 -21.05 2.06
C ASN A 81 -8.74 -19.62 1.83
N VAL A 82 -10.03 -19.41 2.08
CA VAL A 82 -10.65 -18.09 2.03
C VAL A 82 -10.80 -17.58 3.47
N TYR A 83 -10.34 -16.36 3.71
CA TYR A 83 -10.41 -15.70 5.01
C TYR A 83 -11.42 -14.54 4.93
N GLU A 84 -12.40 -14.54 5.83
CA GLU A 84 -13.40 -13.46 5.87
C GLU A 84 -12.81 -12.20 6.49
N GLY A 85 -12.88 -11.09 5.77
CA GLY A 85 -12.52 -9.78 6.30
C GLY A 85 -13.80 -9.05 6.65
N ARG A 86 -14.11 -8.02 5.86
CA ARG A 86 -15.40 -7.34 6.00
C ARG A 86 -16.60 -8.22 5.55
N GLY A 87 -16.33 -9.25 4.73
CA GLY A 87 -17.32 -10.24 4.36
C GLY A 87 -18.22 -9.82 3.21
N TRP A 88 -19.30 -10.58 3.04
CA TRP A 88 -20.19 -10.37 1.91
C TRP A 88 -21.01 -9.11 1.99
N ASN A 89 -21.19 -8.54 3.18
CA ASN A 89 -22.30 -7.60 3.40
C ASN A 89 -21.94 -6.16 3.75
N ARG A 90 -20.64 -5.87 3.87
CA ARG A 90 -20.20 -4.57 4.39
C ARG A 90 -19.39 -3.77 3.39
N GLU A 91 -19.56 -2.44 3.43
CA GLU A 91 -18.83 -1.52 2.55
C GLU A 91 -17.32 -1.71 2.73
N GLY A 92 -16.60 -1.67 1.63
CA GLY A 92 -15.17 -1.93 1.66
C GLY A 92 -14.30 -0.73 2.00
N ALA A 93 -13.01 -1.03 2.21
CA ALA A 93 -11.96 0.03 2.14
C ALA A 93 -10.83 -0.56 1.32
N HIS A 94 -11.17 -0.96 0.09
CA HIS A 94 -10.23 -1.59 -0.82
C HIS A 94 -10.14 -0.90 -2.21
N THR A 95 -11.24 -0.32 -2.70
CA THR A 95 -11.29 0.17 -4.10
C THR A 95 -12.11 1.46 -4.13
N ILE A 96 -11.41 2.60 -4.12
CA ILE A 96 -12.08 3.92 -4.13
C ILE A 96 -13.00 3.99 -5.35
N GLY A 97 -14.24 4.42 -5.13
CA GLY A 97 -15.25 4.49 -6.17
C GLY A 97 -16.12 3.25 -6.31
N TYR A 98 -15.70 2.13 -5.69
CA TYR A 98 -16.38 0.83 -5.81
C TYR A 98 -16.67 0.19 -4.47
N ASN A 99 -16.31 0.84 -3.36
CA ASN A 99 -16.50 0.25 -2.01
C ASN A 99 -17.94 -0.02 -1.62
N LYS A 100 -18.90 0.65 -2.28
CA LYS A 100 -20.33 0.45 -2.01
C LYS A 100 -21.03 -0.48 -3.01
N LYS A 101 -20.28 -0.99 -3.99
CA LYS A 101 -20.90 -1.78 -5.06
C LYS A 101 -20.09 -2.99 -5.47
N SER A 102 -19.23 -3.47 -4.56
CA SER A 102 -18.38 -4.60 -4.85
C SER A 102 -18.00 -5.31 -3.58
N VAL A 103 -17.49 -6.53 -3.76
CA VAL A 103 -16.62 -7.14 -2.76
C VAL A 103 -15.21 -7.15 -3.32
N GLY A 104 -14.25 -6.93 -2.41
CA GLY A 104 -12.82 -6.86 -2.78
C GLY A 104 -12.07 -8.07 -2.25
N ILE A 105 -11.46 -8.83 -3.14
CA ILE A 105 -10.79 -10.11 -2.77
C ILE A 105 -9.30 -9.86 -2.88
N GLY A 106 -8.61 -9.94 -1.73
CA GLY A 106 -7.15 -9.74 -1.69
C GLY A 106 -6.39 -11.06 -1.71
N PHE A 107 -5.66 -11.33 -2.80
CA PHE A 107 -4.74 -12.48 -2.88
C PHE A 107 -3.52 -12.12 -2.02
N ILE A 108 -3.18 -12.98 -1.06
CA ILE A 108 -2.04 -12.69 -0.17
C ILE A 108 -0.75 -12.97 -0.92
N GLY A 109 0.00 -11.88 -1.20
CA GLY A 109 1.24 -11.97 -1.96
C GLY A 109 1.43 -10.76 -2.86
N ASN A 110 2.54 -10.76 -3.59
CA ASN A 110 2.87 -9.75 -4.61
C ASN A 110 2.91 -10.49 -5.95
N PHE A 111 1.92 -10.23 -6.78
CA PHE A 111 1.78 -10.93 -8.07
C PHE A 111 2.08 -10.07 -9.30
N GLN A 112 2.98 -9.09 -9.11
CA GLN A 112 3.49 -8.25 -10.20
C GLN A 112 4.37 -9.04 -11.16
N GLU A 113 5.21 -9.90 -10.60
CA GLU A 113 6.26 -10.60 -11.35
C GLU A 113 6.06 -12.12 -11.33
N LYS A 114 5.40 -12.61 -10.30
CA LYS A 114 5.07 -14.04 -10.20
C LYS A 114 3.57 -14.31 -10.24
N ALA A 115 3.22 -15.50 -10.73
CA ALA A 115 1.83 -15.96 -10.81
C ALA A 115 1.30 -16.40 -9.45
N ALA A 116 0.00 -16.20 -9.23
CA ALA A 116 -0.67 -16.83 -8.10
C ALA A 116 -0.83 -18.34 -8.36
N SER A 117 -0.76 -19.15 -7.30
CA SER A 117 -0.80 -20.60 -7.46
C SER A 117 -2.21 -21.04 -7.90
N ASP A 118 -2.28 -22.24 -8.47
CA ASP A 118 -3.58 -22.81 -8.84
C ASP A 118 -4.56 -22.92 -7.66
N LYS A 119 -4.09 -23.33 -6.48
CA LYS A 119 -5.00 -23.45 -5.35
C LYS A 119 -5.59 -22.11 -4.93
N MET A 120 -4.84 -21.00 -5.11
CA MET A 120 -5.37 -19.67 -4.80
C MET A 120 -6.42 -19.27 -5.83
N LEU A 121 -6.11 -19.44 -7.11
CA LEU A 121 -7.08 -19.11 -8.16
C LEU A 121 -8.36 -19.93 -8.03
N ASN A 122 -8.22 -21.23 -7.74
CA ASN A 122 -9.39 -22.08 -7.58
C ASN A 122 -10.25 -21.66 -6.38
N ALA A 123 -9.62 -21.31 -5.26
CA ALA A 123 -10.37 -20.84 -4.09
C ALA A 123 -11.17 -19.57 -4.40
N ALA A 124 -10.51 -18.62 -5.07
CA ALA A 124 -11.21 -17.38 -5.42
C ALA A 124 -12.36 -17.61 -6.42
N HIS A 125 -12.11 -18.44 -7.43
CA HIS A 125 -13.17 -18.67 -8.43
C HIS A 125 -14.34 -19.43 -7.80
N ALA A 126 -14.03 -20.37 -6.89
CA ALA A 126 -15.08 -21.13 -6.17
C ALA A 126 -15.88 -20.20 -5.26
N LEU A 127 -15.20 -19.23 -4.64
CA LEU A 127 -15.88 -18.21 -3.85
C LEU A 127 -16.86 -17.38 -4.70
N ILE A 128 -16.42 -16.96 -5.90
CA ILE A 128 -17.27 -16.19 -6.81
C ILE A 128 -18.45 -17.07 -7.23
N HIS A 129 -18.21 -18.33 -7.60
CA HIS A 129 -19.29 -19.24 -7.98
C HIS A 129 -20.29 -19.47 -6.86
N CYS A 130 -19.79 -19.64 -5.63
CA CYS A 130 -20.60 -19.78 -4.42
C CYS A 130 -21.50 -18.59 -4.25
N GLY A 131 -20.91 -17.39 -4.35
CA GLY A 131 -21.63 -16.15 -4.16
C GLY A 131 -22.78 -16.01 -5.15
N LYS A 132 -22.49 -16.35 -6.42
CA LYS A 132 -23.54 -16.38 -7.47
C LYS A 132 -24.63 -17.40 -7.15
N SER A 133 -24.23 -18.62 -6.81
CA SER A 133 -25.16 -19.74 -6.52
C SER A 133 -26.13 -19.40 -5.40
N LYS A 134 -25.59 -18.74 -4.37
CA LYS A 134 -26.35 -18.37 -3.15
C LYS A 134 -27.25 -17.16 -3.42
N GLY A 135 -26.86 -16.33 -4.38
CA GLY A 135 -27.61 -15.12 -4.71
C GLY A 135 -27.07 -13.86 -4.05
N ILE A 136 -25.89 -13.97 -3.44
CA ILE A 136 -25.20 -12.82 -2.84
C ILE A 136 -24.60 -11.92 -3.93
N LEU A 137 -24.05 -12.55 -4.97
CA LEU A 137 -23.52 -11.83 -6.15
C LEU A 137 -24.54 -11.94 -7.27
N ARG A 138 -24.64 -10.90 -8.08
CA ARG A 138 -25.56 -10.95 -9.25
C ARG A 138 -25.13 -12.08 -10.20
N GLU A 139 -26.12 -12.65 -10.90
CA GLU A 139 -25.85 -13.71 -11.90
C GLU A 139 -24.89 -13.22 -13.00
N ASP A 140 -24.98 -11.94 -13.31
CA ASP A 140 -24.14 -11.28 -14.31
C ASP A 140 -22.96 -10.54 -13.67
N ILE A 141 -22.46 -11.07 -12.55
CA ILE A 141 -21.33 -10.45 -11.81
C ILE A 141 -20.16 -10.07 -12.75
N ARG A 142 -19.64 -8.86 -12.59
CA ARG A 142 -18.50 -8.37 -13.35
C ARG A 142 -17.24 -8.43 -12.48
N VAL A 143 -16.28 -9.26 -12.88
CA VAL A 143 -15.02 -9.39 -12.13
C VAL A 143 -14.00 -8.48 -12.83
N ILE A 144 -13.34 -7.62 -12.06
CA ILE A 144 -12.31 -6.71 -12.61
C ILE A 144 -11.09 -6.65 -11.69
N GLY A 145 -9.91 -6.40 -12.26
CA GLY A 145 -8.72 -6.12 -11.45
C GLY A 145 -8.79 -4.69 -10.96
N ALA A 146 -8.26 -4.42 -9.76
CA ALA A 146 -8.26 -3.04 -9.23
C ALA A 146 -7.69 -1.97 -10.19
N LYS A 147 -6.61 -2.34 -10.88
CA LYS A 147 -5.92 -1.41 -11.80
C LYS A 147 -6.81 -0.92 -12.95
N GLN A 148 -7.91 -1.61 -13.25
CA GLN A 148 -8.83 -1.22 -14.33
C GLN A 148 -9.68 -0.02 -13.96
N VAL A 149 -9.85 0.24 -12.65
CA VAL A 149 -10.73 1.31 -12.15
C VAL A 149 -10.11 2.32 -11.17
N THR A 150 -8.89 2.05 -10.72
CA THR A 150 -8.16 2.96 -9.84
C THR A 150 -6.70 2.99 -10.24
N ALA A 151 -6.01 4.07 -9.84
CA ALA A 151 -4.58 4.20 -10.11
C ALA A 151 -3.79 3.37 -9.11
N THR A 152 -3.43 2.16 -9.54
CA THR A 152 -2.75 1.17 -8.70
C THR A 152 -2.12 0.12 -9.60
N MET A 153 -1.09 -0.57 -9.11
CA MET A 153 -0.59 -1.77 -9.81
C MET A 153 -1.32 -3.06 -9.40
N SER A 154 -2.11 -3.00 -8.32
CA SER A 154 -2.91 -4.15 -7.85
C SER A 154 -3.88 -4.63 -8.98
N PRO A 155 -4.00 -5.93 -9.26
CA PRO A 155 -3.56 -7.07 -8.45
C PRO A 155 -2.21 -7.64 -8.87
N GLY A 156 -1.42 -6.84 -9.58
CA GLY A 156 -0.14 -7.27 -10.15
C GLY A 156 -0.35 -7.76 -11.57
N SER A 157 0.61 -7.46 -12.44
CA SER A 157 0.45 -7.77 -13.86
C SER A 157 0.19 -9.25 -14.14
N LYS A 158 0.85 -10.14 -13.40
CA LYS A 158 0.71 -11.56 -13.65
C LYS A 158 -0.68 -12.08 -13.23
N LEU A 159 -1.15 -11.69 -12.04
CA LEU A 159 -2.48 -12.07 -11.57
C LEU A 159 -3.56 -11.44 -12.45
N GLN A 160 -3.33 -10.20 -12.90
CA GLN A 160 -4.24 -9.55 -13.84
C GLN A 160 -4.45 -10.40 -15.11
N LYS A 161 -3.35 -10.94 -15.66
CA LYS A 161 -3.44 -11.85 -16.81
C LYS A 161 -4.22 -13.13 -16.44
N GLN A 162 -3.97 -13.69 -15.25
CA GLN A 162 -4.60 -14.94 -14.85
C GLN A 162 -6.14 -14.84 -14.74
N ILE A 163 -6.66 -13.73 -14.19
CA ILE A 163 -8.11 -13.60 -14.03
C ILE A 163 -8.88 -13.46 -15.36
N LYS A 164 -8.18 -13.10 -16.45
CA LYS A 164 -8.80 -13.04 -17.78
C LYS A 164 -9.31 -14.42 -18.28
N ASN A 165 -8.87 -15.51 -17.63
CA ASN A 165 -9.31 -16.86 -17.96
C ASN A 165 -10.73 -17.19 -17.42
N TRP A 166 -11.28 -16.31 -16.59
CA TRP A 166 -12.64 -16.45 -16.04
C TRP A 166 -13.63 -15.74 -16.95
N LEU A 167 -14.76 -16.40 -17.28
CA LEU A 167 -15.77 -15.77 -18.13
C LEU A 167 -16.37 -14.53 -17.50
N GLU A 168 -16.35 -14.46 -16.17
CA GLU A 168 -16.89 -13.30 -15.44
C GLU A 168 -16.03 -12.06 -15.58
N TRP A 169 -14.76 -12.23 -15.96
CA TRP A 169 -13.87 -11.06 -16.14
C TRP A 169 -14.35 -10.18 -17.30
N VAL A 170 -14.35 -8.87 -17.10
CA VAL A 170 -14.76 -7.91 -18.15
C VAL A 170 -13.62 -6.92 -18.45
N PRO A 171 -13.38 -6.65 -19.73
CA PRO A 171 -12.36 -5.66 -20.11
C PRO A 171 -12.71 -4.21 -19.76
N THR A 172 -14.01 -3.89 -19.65
CA THR A 172 -14.44 -2.60 -19.01
C THR A 172 -15.61 -2.80 -18.02
N PRO A 173 -15.46 -2.31 -16.76
CA PRO A 173 -16.39 -2.15 -15.64
C PRO A 173 -17.90 -2.04 -15.90
N CYS B 7 21.66 21.80 6.14
CA CYS B 7 20.88 20.56 6.36
C CYS B 7 19.99 20.64 7.60
N PRO B 8 18.77 20.08 7.52
CA PRO B 8 17.96 19.98 8.73
C PRO B 8 18.51 18.90 9.66
N GLN B 9 18.11 18.93 10.93
CA GLN B 9 18.41 17.80 11.80
C GLN B 9 17.64 16.59 11.27
N ILE B 10 18.32 15.45 11.23
CA ILE B 10 17.66 14.21 10.80
C ILE B 10 17.62 13.27 12.01
N ILE B 11 16.43 12.76 12.32
CA ILE B 11 16.27 11.78 13.39
C ILE B 11 16.73 10.45 12.79
N GLY B 12 17.83 9.94 13.32
CA GLY B 12 18.49 8.75 12.80
C GLY B 12 17.65 7.50 12.95
N ARG B 13 17.86 6.53 12.09
CA ARG B 13 17.03 5.31 12.09
C ARG B 13 17.01 4.63 13.47
N SER B 14 18.17 4.57 14.12
CA SER B 14 18.27 3.94 15.46
C SER B 14 17.56 4.72 16.59
N GLU B 15 17.22 5.97 16.34
CA GLU B 15 16.43 6.74 17.29
C GLU B 15 14.93 6.39 17.27
N TRP B 16 14.47 5.71 16.21
CA TRP B 16 13.05 5.32 16.17
C TRP B 16 12.77 3.81 16.10
N THR B 17 13.80 2.99 15.87
CA THR B 17 13.60 1.52 15.87
C THR B 17 14.77 0.79 16.49
N ASP B 18 14.49 -0.41 16.99
CA ASP B 18 15.51 -1.31 17.50
C ASP B 18 15.86 -2.42 16.52
N VAL B 19 15.14 -2.49 15.40
CA VAL B 19 15.32 -3.61 14.46
C VAL B 19 16.32 -3.26 13.37
N ASP B 20 17.40 -4.02 13.25
CA ASP B 20 18.40 -3.78 12.19
C ASP B 20 17.80 -4.03 10.80
N ALA B 21 18.17 -3.18 9.85
CA ALA B 21 17.89 -3.44 8.44
C ALA B 21 18.72 -4.64 7.96
N LYS B 22 18.16 -5.41 7.03
CA LYS B 22 18.93 -6.38 6.26
C LYS B 22 19.82 -5.63 5.26
N SER B 23 20.82 -6.33 4.73
CA SER B 23 21.73 -5.69 3.78
C SER B 23 21.05 -5.33 2.46
N ILE B 24 21.29 -4.09 2.02
CA ILE B 24 20.66 -3.51 0.81
C ILE B 24 21.77 -2.93 -0.07
N ASN B 25 21.59 -3.07 -1.38
CA ASN B 25 22.50 -2.45 -2.36
C ASN B 25 22.68 -0.95 -2.12
N TYR B 26 23.91 -0.46 -2.33
CA TYR B 26 24.16 0.99 -2.32
C TYR B 26 23.52 1.69 -3.52
N LEU B 27 23.15 2.96 -3.34
CA LEU B 27 22.75 3.84 -4.44
C LEU B 27 23.94 4.45 -5.14
N ILE B 28 23.88 4.48 -6.47
CA ILE B 28 24.94 5.17 -7.24
C ILE B 28 24.75 6.68 -7.07
N ILE B 29 25.83 7.38 -6.72
CA ILE B 29 25.81 8.85 -6.62
C ILE B 29 26.56 9.48 -7.79
N PRO B 30 26.16 10.67 -8.24
CA PRO B 30 25.05 11.45 -7.68
C PRO B 30 23.69 10.94 -8.16
N ILE B 31 22.68 11.12 -7.33
CA ILE B 31 21.33 10.60 -7.58
C ILE B 31 20.51 11.61 -8.40
N PRO B 32 19.89 11.14 -9.52
CA PRO B 32 19.21 12.09 -10.41
C PRO B 32 17.75 12.49 -10.04
N TYR B 33 17.06 11.69 -9.21
CA TYR B 33 15.62 11.95 -8.88
C TYR B 33 15.33 11.98 -7.39
N VAL B 34 14.31 12.75 -7.00
CA VAL B 34 13.67 12.64 -5.68
C VAL B 34 12.20 12.33 -5.95
N ILE B 35 11.69 11.26 -5.34
CA ILE B 35 10.26 10.90 -5.50
C ILE B 35 9.50 11.29 -4.24
N ILE B 36 8.43 12.08 -4.40
CA ILE B 36 7.54 12.44 -3.30
C ILE B 36 6.36 11.49 -3.20
N HIS B 37 6.17 10.97 -1.98
CA HIS B 37 5.11 10.00 -1.64
C HIS B 37 4.30 10.49 -0.45
N HIS B 38 3.09 9.95 -0.29
CA HIS B 38 2.41 9.99 1.01
C HIS B 38 2.32 8.56 1.55
N THR B 39 2.19 8.40 2.87
CA THR B 39 2.13 7.05 3.47
C THR B 39 0.73 6.41 3.48
N VAL B 40 -0.30 7.25 3.38
CA VAL B 40 -1.74 6.89 3.48
C VAL B 40 -2.11 6.48 4.91
N THR B 41 -1.19 6.62 5.85
CA THR B 41 -1.50 6.41 7.28
C THR B 41 -2.17 7.67 7.85
N ALA B 42 -2.61 7.59 9.10
CA ALA B 42 -2.92 8.75 9.91
C ALA B 42 -1.72 9.72 9.99
N GLU B 43 -2.03 10.99 10.16
CA GLU B 43 -1.01 12.02 10.44
C GLU B 43 -0.49 11.87 11.87
N CYS B 44 0.71 12.41 12.12
CA CYS B 44 1.33 12.38 13.45
C CYS B 44 1.78 13.81 13.79
N ASN B 45 1.58 14.26 15.03
CA ASN B 45 1.84 15.68 15.35
C ASN B 45 2.84 15.95 16.48
N THR B 46 3.40 14.89 17.06
CA THR B 46 4.42 14.99 18.12
C THR B 46 5.52 14.00 17.77
N ARG B 47 6.71 14.19 18.33
CA ARG B 47 7.81 13.26 18.14
C ARG B 47 7.43 11.82 18.54
N SER B 48 6.78 11.67 19.70
CA SER B 48 6.29 10.36 20.16
C SER B 48 5.37 9.68 19.14
N GLU B 49 4.42 10.46 18.62
CA GLU B 49 3.46 9.87 17.65
C GLU B 49 4.17 9.52 16.35
N CYS B 50 5.08 10.38 15.89
CA CYS B 50 5.79 10.12 14.64
C CYS B 50 6.76 8.94 14.72
N ILE B 51 7.47 8.81 15.84
CA ILE B 51 8.29 7.64 16.08
C ILE B 51 7.41 6.36 16.06
N ALA B 52 6.25 6.39 16.73
CA ALA B 52 5.38 5.20 16.76
C ALA B 52 4.88 4.85 15.35
N GLN B 53 4.56 5.88 14.56
CA GLN B 53 4.09 5.63 13.21
C GLN B 53 5.18 5.10 12.29
N ALA B 54 6.38 5.68 12.38
CA ALA B 54 7.52 5.17 11.61
C ALA B 54 7.77 3.70 11.92
N GLU B 55 7.78 3.35 13.21
CA GLU B 55 7.96 1.96 13.62
C GLU B 55 6.83 1.02 13.13
N ASN B 56 5.58 1.49 13.13
CA ASN B 56 4.44 0.70 12.61
C ASN B 56 4.60 0.42 11.13
N ILE B 57 5.07 1.43 10.38
CA ILE B 57 5.33 1.23 8.95
C ILE B 57 6.50 0.27 8.73
N ARG B 58 7.62 0.44 9.46
CA ARG B 58 8.75 -0.47 9.31
C ARG B 58 8.34 -1.92 9.64
N SER B 59 7.62 -2.13 10.75
CA SER B 59 7.15 -3.47 11.13
C SER B 59 6.33 -4.10 9.99
N TYR B 60 5.40 -3.32 9.42
CA TYR B 60 4.56 -3.86 8.35
C TYR B 60 5.43 -4.21 7.12
N HIS B 61 6.32 -3.28 6.73
CA HIS B 61 7.19 -3.54 5.57
C HIS B 61 8.11 -4.75 5.75
N MET B 62 8.71 -4.89 6.94
CA MET B 62 9.66 -5.96 7.19
C MET B 62 8.99 -7.29 7.52
N ASP B 63 8.05 -7.26 8.46
CA ASP B 63 7.41 -8.50 8.92
C ASP B 63 6.36 -9.03 7.94
N SER B 64 5.53 -8.13 7.40
CA SER B 64 4.45 -8.56 6.52
C SER B 64 4.89 -8.58 5.04
N ASN B 65 5.52 -7.51 4.55
CA ASN B 65 5.97 -7.52 3.15
C ASN B 65 7.25 -8.35 2.93
N GLY B 66 8.02 -8.60 4.00
CA GLY B 66 9.28 -9.34 3.86
C GLY B 66 10.41 -8.53 3.29
N TRP B 67 10.29 -7.20 3.34
CA TRP B 67 11.31 -6.29 2.81
C TRP B 67 12.53 -6.17 3.72
N ASP B 68 13.63 -5.65 3.15
CA ASP B 68 14.90 -5.55 3.90
C ASP B 68 14.88 -4.44 4.96
N ASP B 69 13.99 -3.48 4.78
CA ASP B 69 13.80 -2.33 5.66
C ASP B 69 12.50 -1.63 5.27
N ILE B 70 12.10 -0.65 6.07
CA ILE B 70 11.09 0.34 5.66
C ILE B 70 11.39 0.77 4.22
N GLY B 71 10.36 0.87 3.37
CA GLY B 71 10.57 1.08 1.92
C GLY B 71 11.14 2.46 1.56
N TYR B 72 10.80 3.47 2.40
CA TYR B 72 11.12 4.88 2.14
C TYR B 72 12.56 5.22 2.53
N SER B 73 13.14 6.18 1.81
CA SER B 73 14.45 6.74 2.16
C SER B 73 14.35 7.58 3.43
N PHE B 74 13.34 8.46 3.49
CA PHE B 74 13.08 9.33 4.61
C PHE B 74 11.57 9.45 4.77
N LEU B 75 11.13 9.75 6.00
CA LEU B 75 9.75 10.15 6.28
C LEU B 75 9.74 11.58 6.78
N ILE B 76 8.63 12.27 6.51
CA ILE B 76 8.41 13.61 7.07
C ILE B 76 7.24 13.52 8.01
N GLY B 77 7.45 13.85 9.26
CA GLY B 77 6.38 13.88 10.27
C GLY B 77 5.62 15.19 10.34
N GLY B 78 4.38 15.12 10.82
CA GLY B 78 3.57 16.33 11.07
C GLY B 78 4.14 17.18 12.20
N ASP B 79 5.09 16.63 12.96
CA ASP B 79 5.90 17.41 13.91
C ASP B 79 6.95 18.33 13.24
N GLY B 80 7.08 18.24 11.91
CA GLY B 80 8.08 19.01 11.15
C GLY B 80 9.47 18.39 11.11
N ASN B 81 9.60 17.15 11.62
CA ASN B 81 10.88 16.47 11.63
C ASN B 81 11.07 15.51 10.47
N VAL B 82 12.35 15.29 10.13
CA VAL B 82 12.79 14.29 9.14
C VAL B 82 13.25 13.03 9.88
N TYR B 83 12.68 11.88 9.48
CA TYR B 83 13.04 10.54 10.02
C TYR B 83 13.79 9.72 8.98
N GLU B 84 14.99 9.27 9.33
CA GLU B 84 15.81 8.48 8.41
C GLU B 84 15.23 7.06 8.28
N GLY B 85 14.96 6.63 7.05
CA GLY B 85 14.60 5.24 6.75
C GLY B 85 15.82 4.56 6.14
N ARG B 86 15.74 4.19 4.86
CA ARG B 86 16.91 3.67 4.12
C ARG B 86 18.03 4.71 3.92
N GLY B 87 17.67 5.98 4.03
CA GLY B 87 18.62 7.10 3.99
C GLY B 87 19.12 7.44 2.59
N TRP B 88 20.27 8.12 2.57
CA TRP B 88 20.83 8.64 1.33
C TRP B 88 21.44 7.58 0.41
N ASN B 89 21.83 6.43 0.96
CA ASN B 89 22.79 5.56 0.26
C ASN B 89 22.33 4.14 0.02
N ARG B 90 21.05 3.87 0.17
CA ARG B 90 20.53 2.52 -0.06
C ARG B 90 19.40 2.51 -1.08
N GLU B 91 19.41 1.50 -1.95
CA GLU B 91 18.35 1.25 -2.94
C GLU B 91 16.99 1.21 -2.25
N GLY B 92 15.99 1.84 -2.86
CA GLY B 92 14.66 1.93 -2.25
C GLY B 92 13.75 0.74 -2.43
N ALA B 93 12.64 0.74 -1.70
CA ALA B 93 11.48 -0.08 -2.03
C ALA B 93 10.24 0.79 -1.96
N HIS B 94 10.24 1.86 -2.75
CA HIS B 94 9.18 2.85 -2.71
C HIS B 94 8.58 3.17 -4.09
N THR B 95 9.38 3.05 -5.16
CA THR B 95 8.92 3.50 -6.48
C THR B 95 9.44 2.56 -7.57
N ILE B 96 8.57 1.68 -8.07
CA ILE B 96 8.96 0.71 -9.11
C ILE B 96 9.53 1.47 -10.30
N GLY B 97 10.70 1.02 -10.78
CA GLY B 97 11.44 1.62 -11.90
C GLY B 97 12.38 2.74 -11.52
N TYR B 98 12.31 3.18 -10.26
CA TYR B 98 13.11 4.33 -9.80
C TYR B 98 13.90 4.07 -8.51
N ASN B 99 13.82 2.85 -7.97
CA ASN B 99 14.46 2.55 -6.68
C ASN B 99 15.98 2.62 -6.69
N LYS B 100 16.58 2.51 -7.88
CA LYS B 100 18.04 2.54 -8.03
C LYS B 100 18.55 3.92 -8.48
N LYS B 101 17.63 4.85 -8.73
CA LYS B 101 17.99 6.18 -9.26
C LYS B 101 17.27 7.36 -8.57
N SER B 102 16.80 7.13 -7.35
CA SER B 102 16.10 8.16 -6.59
C SER B 102 16.24 7.93 -5.10
N VAL B 103 15.93 8.99 -4.34
CA VAL B 103 15.52 8.82 -2.93
C VAL B 103 14.02 9.09 -2.86
N GLY B 104 13.35 8.32 -2.00
CA GLY B 104 11.90 8.42 -1.86
C GLY B 104 11.56 9.02 -0.52
N ILE B 105 10.83 10.13 -0.51
CA ILE B 105 10.46 10.85 0.71
C ILE B 105 8.97 10.62 0.96
N GLY B 106 8.64 9.98 2.07
CA GLY B 106 7.23 9.73 2.43
C GLY B 106 6.68 10.71 3.45
N PHE B 107 5.74 11.57 3.03
CA PHE B 107 5.02 12.45 3.95
C PHE B 107 4.03 11.59 4.74
N ILE B 108 4.12 11.61 6.08
CA ILE B 108 3.24 10.75 6.90
C ILE B 108 1.84 11.37 6.90
N GLY B 109 0.87 10.65 6.34
CA GLY B 109 -0.50 11.16 6.21
C GLY B 109 -1.11 10.74 4.88
N ASN B 110 -2.35 11.19 4.68
CA ASN B 110 -3.07 10.97 3.43
C ASN B 110 -3.37 12.38 2.91
N PHE B 111 -2.71 12.76 1.82
CA PHE B 111 -2.83 14.14 1.30
C PHE B 111 -3.57 14.20 -0.02
N GLN B 112 -4.52 13.27 -0.20
CA GLN B 112 -5.41 13.33 -1.36
C GLN B 112 -6.36 14.52 -1.32
N GLU B 113 -6.94 14.78 -0.14
CA GLU B 113 -7.93 15.85 0.06
C GLU B 113 -7.38 16.99 0.91
N LYS B 114 -6.56 16.64 1.91
CA LYS B 114 -5.98 17.62 2.83
C LYS B 114 -4.57 18.02 2.43
N ALA B 115 -4.25 19.29 2.69
CA ALA B 115 -2.90 19.84 2.45
C ALA B 115 -1.90 19.37 3.50
N ALA B 116 -0.65 19.18 3.08
CA ALA B 116 0.44 19.03 4.03
C ALA B 116 0.76 20.37 4.65
N SER B 117 1.01 20.38 5.96
CA SER B 117 1.37 21.63 6.65
C SER B 117 2.66 22.26 6.11
N ASP B 118 2.78 23.59 6.25
CA ASP B 118 4.00 24.29 5.86
C ASP B 118 5.26 23.68 6.50
N LYS B 119 5.18 23.26 7.78
CA LYS B 119 6.37 22.68 8.45
C LYS B 119 6.81 21.37 7.80
N MET B 120 5.85 20.59 7.28
CA MET B 120 6.18 19.38 6.52
C MET B 120 6.87 19.72 5.20
N LEU B 121 6.28 20.65 4.42
CA LEU B 121 6.87 21.07 3.14
C LEU B 121 8.28 21.62 3.31
N ASN B 122 8.45 22.45 4.33
CA ASN B 122 9.73 23.11 4.61
C ASN B 122 10.80 22.09 4.97
N ALA B 123 10.43 21.08 5.76
CA ALA B 123 11.39 20.05 6.15
C ALA B 123 11.84 19.22 4.94
N ALA B 124 10.92 18.82 4.07
CA ALA B 124 11.29 18.08 2.87
C ALA B 124 12.17 18.90 1.91
N HIS B 125 11.82 20.18 1.72
CA HIS B 125 12.59 21.08 0.85
C HIS B 125 13.99 21.28 1.39
N ALA B 126 14.10 21.48 2.71
CA ALA B 126 15.43 21.61 3.35
C ALA B 126 16.25 20.34 3.16
N LEU B 127 15.60 19.16 3.28
CA LEU B 127 16.29 17.90 3.04
C LEU B 127 16.84 17.76 1.61
N ILE B 128 16.05 18.20 0.62
CA ILE B 128 16.48 18.20 -0.78
C ILE B 128 17.69 19.14 -0.96
N HIS B 129 17.58 20.34 -0.39
CA HIS B 129 18.67 21.34 -0.41
C HIS B 129 19.95 20.73 0.18
N CYS B 130 19.80 20.01 1.30
CA CYS B 130 20.88 19.27 1.97
C CYS B 130 21.61 18.29 1.05
N GLY B 131 20.82 17.41 0.41
CA GLY B 131 21.37 16.40 -0.51
C GLY B 131 22.13 17.02 -1.68
N LYS B 132 21.59 18.12 -2.20
CA LYS B 132 22.23 18.90 -3.27
C LYS B 132 23.57 19.47 -2.83
N SER B 133 23.56 20.15 -1.68
CA SER B 133 24.74 20.79 -1.11
C SER B 133 25.85 19.78 -0.84
N LYS B 134 25.49 18.60 -0.35
CA LYS B 134 26.47 17.55 -0.05
C LYS B 134 26.99 16.81 -1.29
N GLY B 135 26.30 17.00 -2.42
CA GLY B 135 26.67 16.34 -3.66
C GLY B 135 26.12 14.93 -3.80
N ILE B 136 25.24 14.54 -2.87
CA ILE B 136 24.54 13.25 -2.91
C ILE B 136 23.54 13.23 -4.06
N LEU B 137 22.77 14.34 -4.17
CA LEU B 137 21.85 14.58 -5.27
C LEU B 137 22.54 15.39 -6.36
N ARG B 138 22.20 15.08 -7.61
CA ARG B 138 22.71 15.87 -8.75
C ARG B 138 22.36 17.34 -8.59
N GLU B 139 23.22 18.23 -9.07
CA GLU B 139 22.94 19.68 -9.01
C GLU B 139 21.62 20.04 -9.70
N ASP B 140 21.32 19.31 -10.79
CA ASP B 140 20.07 19.49 -11.53
C ASP B 140 19.01 18.44 -11.13
N ILE B 141 18.85 18.27 -9.82
CA ILE B 141 17.91 17.28 -9.25
C ILE B 141 16.48 17.46 -9.77
N ARG B 142 15.84 16.34 -10.12
CA ARG B 142 14.47 16.34 -10.65
C ARG B 142 13.55 15.77 -9.55
N VAL B 143 12.69 16.65 -9.02
CA VAL B 143 11.74 16.26 -7.96
C VAL B 143 10.40 16.01 -8.65
N ILE B 144 9.84 14.83 -8.41
CA ILE B 144 8.56 14.42 -9.02
C ILE B 144 7.68 13.71 -8.00
N GLY B 145 6.37 13.79 -8.19
CA GLY B 145 5.44 12.98 -7.41
C GLY B 145 5.42 11.56 -7.97
N ALA B 146 5.21 10.57 -7.09
CA ALA B 146 5.18 9.15 -7.52
C ALA B 146 4.21 8.89 -8.70
N LYS B 147 3.04 9.52 -8.67
CA LYS B 147 2.00 9.34 -9.70
C LYS B 147 2.46 9.76 -11.11
N GLN B 148 3.53 10.57 -11.20
CA GLN B 148 4.08 10.97 -12.51
C GLN B 148 4.81 9.83 -13.23
N VAL B 149 5.22 8.81 -12.48
CA VAL B 149 6.05 7.72 -13.03
C VAL B 149 5.53 6.29 -12.76
N THR B 150 4.53 6.15 -11.87
CA THR B 150 3.93 4.85 -11.55
C THR B 150 2.42 5.00 -11.42
N ALA B 151 1.67 3.90 -11.61
CA ALA B 151 0.23 3.87 -11.37
C ALA B 151 -0.06 3.85 -9.86
N THR B 152 -0.35 5.04 -9.33
CA THR B 152 -0.56 5.25 -7.88
C THR B 152 -1.29 6.58 -7.65
N MET B 153 -1.96 6.72 -6.50
CA MET B 153 -2.47 8.04 -6.08
C MET B 153 -1.43 8.89 -5.36
N SER B 154 -0.40 8.23 -4.87
CA SER B 154 0.66 8.88 -4.12
C SER B 154 1.31 10.01 -4.97
N PRO B 155 1.57 11.22 -4.42
CA PRO B 155 1.55 11.56 -2.98
C PRO B 155 0.23 12.20 -2.47
N GLY B 156 -0.86 11.97 -3.20
CA GLY B 156 -2.14 12.64 -2.94
C GLY B 156 -2.23 13.91 -3.80
N SER B 157 -3.42 14.16 -4.33
CA SER B 157 -3.62 15.29 -5.26
C SER B 157 -3.28 16.65 -4.65
N LYS B 158 -3.61 16.84 -3.38
CA LYS B 158 -3.30 18.12 -2.73
C LYS B 158 -1.81 18.34 -2.54
N LEU B 159 -1.10 17.34 -2.03
CA LEU B 159 0.36 17.44 -1.91
C LEU B 159 1.05 17.54 -3.28
N GLN B 160 0.55 16.80 -4.27
CA GLN B 160 1.04 16.94 -5.65
C GLN B 160 0.98 18.40 -6.13
N LYS B 161 -0.13 19.10 -5.84
CA LYS B 161 -0.27 20.54 -6.19
C LYS B 161 0.78 21.38 -5.43
N GLN B 162 0.98 21.05 -4.15
CA GLN B 162 1.87 21.84 -3.28
C GLN B 162 3.34 21.78 -3.70
N ILE B 163 3.84 20.62 -4.11
CA ILE B 163 5.25 20.48 -4.50
C ILE B 163 5.61 21.19 -5.81
N LYS B 164 4.58 21.53 -6.60
CA LYS B 164 4.80 22.28 -7.84
C LYS B 164 5.32 23.70 -7.59
N ASN B 165 5.20 24.17 -6.35
CA ASN B 165 5.71 25.48 -5.95
C ASN B 165 7.21 25.48 -5.65
N TRP B 166 7.80 24.29 -5.66
CA TRP B 166 9.26 24.13 -5.55
C TRP B 166 9.92 24.30 -6.90
N LEU B 167 11.00 25.07 -6.94
CA LEU B 167 11.74 25.28 -8.19
C LEU B 167 12.32 23.99 -8.80
N GLU B 168 12.58 22.98 -7.96
CA GLU B 168 13.17 21.70 -8.39
C GLU B 168 12.12 20.73 -8.98
N TRP B 169 10.83 21.04 -8.84
CA TRP B 169 9.80 20.15 -9.37
C TRP B 169 9.82 20.16 -10.90
N VAL B 170 9.66 18.99 -11.54
CA VAL B 170 9.63 18.90 -13.01
C VAL B 170 8.33 18.27 -13.51
N PRO B 171 7.78 18.79 -14.63
CA PRO B 171 6.50 18.27 -15.15
C PRO B 171 6.66 16.95 -15.91
N THR B 172 7.86 16.66 -16.40
CA THR B 172 8.15 15.40 -17.10
C THR B 172 9.40 14.73 -16.50
N PRO B 173 9.40 13.39 -16.34
CA PRO B 173 10.58 12.73 -15.76
C PRO B 173 11.81 12.80 -16.65
#